data_7PHX
#
_entry.id   7PHX
#
_cell.length_a   43.700
_cell.length_b   80.788
_cell.length_c   85.891
_cell.angle_alpha   90.000
_cell.angle_beta   90.000
_cell.angle_gamma   90.000
#
_symmetry.space_group_name_H-M   'P 21 21 21'
#
loop_
_entity.id
_entity.type
_entity.pdbx_description
1 polymer 'Thrombin light chain'
2 polymer 'Thrombin heavy chain'
3 polymer 'Tsetse thrombin inhibitor'
4 non-polymer 2-acetamido-2-deoxy-beta-D-glucopyranose
5 non-polymer 'SODIUM ION'
6 water water
#
loop_
_entity_poly.entity_id
_entity_poly.type
_entity_poly.pdbx_seq_one_letter_code
_entity_poly.pdbx_strand_id
1 'polypeptide(L)' TFGSGEADCGLRPLFEKKSLEDKTERELLESYIDGR L
2 'polypeptide(L)'
;IVEGSDAEIGMSPWQVMLFRKSPQELLCGASLISDRWVLTAAHCLLYPPWDKNFTENDLLVRIGKHSRTRYERNIEKISM
LEKIYIHPRYNWRENLDRDIALMKLKKPVAFSDYIHPVCLPDRETAASLLQAGYKGRVTGWGNLKETWTANVGKGQPSVL
QVVNLPIVERPVCKDSTRIRITDNMFCAGYKPDEGKRGDACEGDSGGPFVMKSPFNNRWYQMGIVSWGEGCDRDGKYGFY
THVFRLKKWIQKVIDQFGE
;
H
3 'polypeptide(L)' GEPGAPID(SMF)DE(SMF)GDSSEEVGGTPLHEIPGIRL I
#
# COMPACT_ATOMS: atom_id res chain seq x y z
N ALA A 7 2.83 13.96 -14.45
CA ALA A 7 3.01 13.74 -15.87
C ALA A 7 4.04 12.64 -16.13
N ASP A 8 5.06 12.61 -15.29
CA ASP A 8 6.11 11.59 -15.32
C ASP A 8 5.84 10.44 -14.35
N CYS A 9 4.63 10.34 -13.79
CA CYS A 9 4.43 9.41 -12.69
C CYS A 9 4.66 7.96 -13.12
N GLY A 10 5.11 7.15 -12.16
CA GLY A 10 5.13 5.70 -12.32
C GLY A 10 6.17 5.15 -13.26
N LEU A 11 7.06 5.99 -13.81
CA LEU A 11 8.20 5.54 -14.61
C LEU A 11 9.46 5.72 -13.76
N ARG A 12 10.10 4.61 -13.40
CA ARG A 12 11.19 4.64 -12.43
C ARG A 12 12.52 5.03 -13.09
N PRO A 13 13.27 5.96 -12.50
CA PRO A 13 14.56 6.34 -13.07
C PRO A 13 15.48 5.17 -13.29
N LEU A 14 15.49 4.19 -12.40
CA LEU A 14 16.49 3.13 -12.55
C LEU A 14 15.98 1.92 -13.34
N PHE A 15 14.71 1.92 -13.76
CA PHE A 15 14.19 0.80 -14.53
C PHE A 15 13.58 1.33 -15.82
N GLU A 16 12.31 1.74 -15.79
CA GLU A 16 11.63 2.12 -17.04
C GLU A 16 12.41 3.18 -17.82
N LYS A 17 12.95 4.19 -17.13
CA LYS A 17 13.69 5.22 -17.85
C LYS A 17 15.00 4.71 -18.45
N LYS A 18 15.45 3.52 -18.07
CA LYS A 18 16.67 2.96 -18.64
C LYS A 18 16.39 1.67 -19.43
N SER A 19 15.12 1.36 -19.73
CA SER A 19 14.75 0.15 -20.47
C SER A 19 15.31 -1.11 -19.79
N LEU A 20 15.28 -1.11 -18.45
CA LEU A 20 15.71 -2.23 -17.64
C LEU A 20 14.53 -2.72 -16.84
N GLU A 21 14.32 -4.04 -16.80
CA GLU A 21 13.26 -4.62 -15.97
C GLU A 21 13.78 -4.99 -14.60
N ASP A 22 12.90 -4.95 -13.60
CA ASP A 22 13.32 -5.43 -12.30
C ASP A 22 13.21 -6.95 -12.24
N LYS A 23 13.62 -7.54 -11.13
CA LYS A 23 13.76 -9.00 -11.06
C LYS A 23 12.42 -9.75 -11.15
N THR A 24 11.29 -9.13 -10.80
CA THR A 24 10.03 -9.87 -10.86
C THR A 24 8.87 -9.16 -11.54
N GLU A 25 9.09 -8.05 -12.25
CA GLU A 25 7.93 -7.41 -12.85
C GLU A 25 7.33 -8.26 -13.97
N ARG A 26 8.10 -9.21 -14.52
CA ARG A 26 7.56 -10.12 -15.54
C ARG A 26 6.44 -10.99 -14.98
N GLU A 27 6.59 -11.43 -13.72
CA GLU A 27 5.52 -12.18 -13.05
C GLU A 27 4.21 -11.43 -13.08
N LEU A 28 4.26 -10.11 -12.88
CA LEU A 28 3.07 -9.29 -12.94
C LEU A 28 2.49 -9.29 -14.34
N LEU A 29 3.29 -8.89 -15.32
CA LEU A 29 2.83 -8.90 -16.70
C LEU A 29 2.28 -10.25 -17.10
N GLU A 30 2.96 -11.33 -16.69
CA GLU A 30 2.53 -12.67 -17.08
C GLU A 30 1.18 -13.04 -16.47
N SER A 31 0.83 -12.45 -15.33
CA SER A 31 -0.47 -12.70 -14.71
C SER A 31 -1.60 -11.94 -15.39
N TYR A 32 -1.28 -10.91 -16.18
CA TYR A 32 -2.30 -10.10 -16.82
C TYR A 32 -2.80 -10.73 -18.10
N ILE A 33 -2.11 -11.76 -18.58
CA ILE A 33 -2.52 -12.47 -19.78
C ILE A 33 -3.40 -13.65 -19.37
N ASP A 34 -4.52 -13.82 -20.06
CA ASP A 34 -5.54 -14.75 -19.58
C ASP A 34 -5.16 -16.20 -19.86
N GLY A 35 -4.97 -16.56 -21.13
CA GLY A 35 -4.64 -17.92 -21.48
C GLY A 35 -5.85 -18.83 -21.63
N ILE B 1 6.48 -7.60 5.47
CA ILE B 1 6.17 -8.49 4.35
C ILE B 1 6.60 -9.91 4.69
N VAL B 2 5.66 -10.85 4.52
CA VAL B 2 5.89 -12.28 4.74
C VAL B 2 6.14 -12.96 3.40
N GLU B 3 7.09 -13.90 3.37
CA GLU B 3 7.39 -14.64 2.13
C GLU B 3 7.71 -13.73 0.95
N GLY B 4 8.35 -12.59 1.21
CA GLY B 4 8.82 -11.72 0.17
C GLY B 4 10.32 -11.84 -0.05
N SER B 5 10.87 -10.85 -0.73
CA SER B 5 12.33 -10.78 -0.88
C SER B 5 12.78 -9.33 -0.79
N ASP B 6 14.09 -9.13 -0.73
CA ASP B 6 14.60 -7.77 -0.73
C ASP B 6 14.16 -7.06 -1.99
N ALA B 7 13.70 -5.83 -1.85
CA ALA B 7 13.53 -5.00 -3.04
C ALA B 7 14.89 -4.69 -3.64
N GLU B 8 14.89 -4.44 -4.95
CA GLU B 8 16.11 -3.89 -5.57
C GLU B 8 16.15 -2.40 -5.34
N ILE B 9 17.38 -1.85 -5.38
CA ILE B 9 17.58 -0.41 -5.29
C ILE B 9 16.75 0.27 -6.35
N GLY B 10 16.04 1.32 -5.95
CA GLY B 10 15.22 2.07 -6.88
C GLY B 10 13.95 1.36 -7.33
N MET B 11 13.63 0.19 -6.76
CA MET B 11 12.50 -0.59 -7.27
C MET B 11 11.16 0.06 -6.95
N SER B 12 11.08 0.77 -5.83
N SER B 12 11.08 0.76 -5.82
CA SER B 12 9.80 1.31 -5.35
CA SER B 12 9.81 1.32 -5.36
C SER B 12 10.03 2.76 -4.93
C SER B 12 10.05 2.76 -4.93
N PRO B 13 10.42 3.62 -5.87
CA PRO B 13 10.86 4.97 -5.49
C PRO B 13 9.75 5.85 -4.93
N TRP B 14 8.49 5.38 -4.93
CA TRP B 14 7.38 6.08 -4.30
C TRP B 14 7.18 5.68 -2.84
N GLN B 15 7.88 4.65 -2.38
CA GLN B 15 7.71 4.14 -1.04
C GLN B 15 8.09 5.21 -0.01
N VAL B 16 7.21 5.42 0.96
CA VAL B 16 7.43 6.38 2.02
C VAL B 16 7.36 5.64 3.33
N MET B 17 8.25 6.00 4.24
CA MET B 17 8.27 5.48 5.59
C MET B 17 7.67 6.55 6.49
N LEU B 18 6.64 6.17 7.25
CA LEU B 18 6.09 7.01 8.29
C LEU B 18 6.73 6.59 9.59
N PHE B 19 7.48 7.50 10.21
CA PHE B 19 8.41 7.20 11.30
C PHE B 19 7.92 7.96 12.51
N ARG B 20 7.72 7.24 13.62
CA ARG B 20 7.31 7.85 14.89
C ARG B 20 8.52 8.53 15.55
N LYS B 21 8.40 9.82 15.83
CA LYS B 21 9.53 10.55 16.44
C LYS B 21 9.93 9.94 17.77
N SER B 22 8.97 9.73 18.67
CA SER B 22 9.27 9.16 19.98
C SER B 22 8.08 8.33 20.49
N PRO B 23 8.29 7.03 20.77
CA PRO B 23 9.60 6.40 20.65
C PRO B 23 9.96 6.11 19.20
N GLN B 24 11.26 6.13 18.91
CA GLN B 24 11.79 5.93 17.58
C GLN B 24 11.35 4.58 17.00
N GLU B 25 10.48 4.59 15.98
CA GLU B 25 10.02 3.33 15.41
C GLU B 25 9.23 3.57 14.13
N LEU B 26 9.27 2.56 13.27
CA LEU B 26 8.44 2.53 12.08
C LEU B 26 6.96 2.47 12.46
N LEU B 27 6.19 3.46 12.01
CA LEU B 27 4.75 3.49 12.21
C LEU B 27 3.98 2.79 11.10
N CYS B 28 4.25 3.13 9.84
CA CYS B 28 3.46 2.64 8.72
C CYS B 28 4.25 2.86 7.42
N GLY B 29 3.77 2.27 6.35
CA GLY B 29 4.20 2.68 5.03
C GLY B 29 3.28 3.77 4.51
N ALA B 30 3.63 4.27 3.34
CA ALA B 30 2.92 5.35 2.67
C ALA B 30 3.46 5.37 1.26
N SER B 31 2.98 6.31 0.44
CA SER B 31 3.47 6.39 -0.93
C SER B 31 3.54 7.84 -1.34
N LEU B 32 4.52 8.16 -2.20
CA LEU B 32 4.62 9.50 -2.75
C LEU B 32 3.82 9.58 -4.06
N ILE B 33 2.90 10.53 -4.14
CA ILE B 33 2.06 10.70 -5.33
C ILE B 33 2.25 12.06 -5.98
N SER B 34 2.96 12.98 -5.36
CA SER B 34 3.35 14.24 -5.97
C SER B 34 4.61 14.73 -5.26
N ASP B 35 5.08 15.92 -5.63
CA ASP B 35 6.25 16.42 -4.92
C ASP B 35 5.93 16.88 -3.51
N ARG B 36 4.65 17.07 -3.17
CA ARG B 36 4.26 17.51 -1.83
C ARG B 36 3.15 16.68 -1.16
N TRP B 37 2.62 15.65 -1.81
CA TRP B 37 1.52 14.88 -1.25
C TRP B 37 1.91 13.42 -1.08
N VAL B 38 1.59 12.88 0.08
CA VAL B 38 1.87 11.49 0.44
C VAL B 38 0.54 10.84 0.77
N LEU B 39 0.33 9.63 0.25
CA LEU B 39 -0.91 8.90 0.49
C LEU B 39 -0.68 7.78 1.51
N THR B 40 -1.60 7.61 2.46
CA THR B 40 -1.43 6.49 3.40
C THR B 40 -2.81 6.01 3.83
N ALA B 41 -2.85 5.10 4.80
CA ALA B 41 -4.10 4.63 5.37
C ALA B 41 -4.47 5.49 6.56
N ALA B 42 -5.76 5.78 6.68
CA ALA B 42 -6.26 6.57 7.78
C ALA B 42 -5.97 5.90 9.12
N HIS B 43 -6.03 4.57 9.18
CA HIS B 43 -5.90 3.94 10.48
C HIS B 43 -4.46 3.98 11.00
N CYS B 44 -3.48 4.24 10.12
CA CYS B 44 -2.12 4.52 10.55
C CYS B 44 -2.05 5.75 11.45
N LEU B 45 -2.92 6.73 11.21
CA LEU B 45 -2.94 7.99 11.96
C LEU B 45 -4.01 8.03 13.04
N LEU B 46 -5.13 7.34 12.82
CA LEU B 46 -6.28 7.50 13.70
C LEU B 46 -6.93 6.13 13.87
N TYR B 47 -6.81 5.56 15.06
CA TYR B 47 -7.54 4.35 15.42
C TYR B 47 -7.86 4.39 16.90
N PRO B 48 -8.95 5.06 17.28
CA PRO B 48 -9.35 5.15 18.69
C PRO B 48 -9.38 3.81 19.42
N PRO B 49 -9.90 2.72 18.84
CA PRO B 49 -9.98 1.47 19.62
C PRO B 49 -8.66 1.05 20.25
N TRP B 50 -7.52 1.46 19.69
CA TRP B 50 -6.21 1.19 20.28
C TRP B 50 -5.52 2.46 20.77
N ASP B 51 -6.30 3.51 21.07
CA ASP B 51 -5.80 4.81 21.54
C ASP B 51 -4.73 5.39 20.62
N LYS B 52 -4.97 5.31 19.32
CA LYS B 52 -4.03 5.81 18.31
C LYS B 52 -4.57 7.10 17.72
N ASN B 53 -3.80 8.19 17.87
CA ASN B 53 -4.27 9.50 17.43
C ASN B 53 -3.05 10.39 17.23
N PHE B 54 -2.53 10.38 16.00
CA PHE B 54 -1.27 11.04 15.64
C PHE B 54 -1.56 12.32 14.88
N THR B 55 -0.88 13.40 15.26
CA THR B 55 -1.00 14.67 14.55
C THR B 55 0.26 14.92 13.73
N GLU B 56 0.27 16.06 13.04
CA GLU B 56 1.36 16.39 12.12
C GLU B 56 2.72 16.36 12.83
N ASN B 57 2.79 16.90 14.06
CA ASN B 57 4.07 17.04 14.74
C ASN B 57 4.56 15.75 15.38
N ASP B 58 3.78 14.67 15.35
CA ASP B 58 4.22 13.42 15.92
C ASP B 58 5.06 12.60 14.97
N LEU B 59 5.05 12.94 13.68
CA LEU B 59 5.48 12.03 12.63
C LEU B 59 6.55 12.69 11.76
N LEU B 60 7.45 11.86 11.26
CA LEU B 60 8.37 12.23 10.21
C LEU B 60 8.18 11.29 9.04
N VAL B 61 8.30 11.81 7.83
N VAL B 61 8.33 11.82 7.84
CA VAL B 61 8.28 10.97 6.63
CA VAL B 61 8.30 11.07 6.61
C VAL B 61 9.71 10.89 6.11
C VAL B 61 9.74 10.90 6.12
N ARG B 62 10.09 9.69 5.67
CA ARG B 62 11.43 9.43 5.17
C ARG B 62 11.27 8.78 3.81
N ILE B 63 11.82 9.44 2.80
CA ILE B 63 11.55 9.14 1.41
C ILE B 63 12.87 8.77 0.75
N GLY B 64 12.82 7.81 -0.19
CA GLY B 64 14.02 7.37 -0.88
C GLY B 64 14.75 6.23 -0.21
N LYS B 65 14.18 5.67 0.86
CA LYS B 65 14.93 4.77 1.70
C LYS B 65 14.97 3.33 1.17
N HIS B 66 15.99 2.61 1.61
CA HIS B 66 16.07 1.18 1.34
C HIS B 66 16.35 0.43 2.64
N SER B 67 17.48 0.72 3.28
CA SER B 67 17.72 0.18 4.61
C SER B 67 16.60 0.58 5.55
N ARG B 68 16.22 -0.36 6.43
CA ARG B 68 15.19 -0.06 7.43
C ARG B 68 15.71 0.90 8.50
N THR B 69 17.02 0.91 8.78
CA THR B 69 17.55 1.60 9.95
C THR B 69 18.71 2.55 9.66
N ARG B 70 19.48 2.30 8.60
CA ARG B 70 20.65 3.12 8.35
C ARG B 70 20.24 4.44 7.70
N TYR B 71 20.75 5.55 8.24
CA TYR B 71 20.65 6.82 7.53
C TYR B 71 21.33 6.68 6.17
N GLU B 72 20.61 6.99 5.11
CA GLU B 72 21.14 6.88 3.75
C GLU B 72 21.44 8.29 3.23
N ARG B 73 22.64 8.77 3.49
CA ARG B 73 22.95 10.16 3.20
C ARG B 73 23.07 10.40 1.70
N ASN B 74 22.59 11.57 1.27
CA ASN B 74 22.41 11.94 -0.13
C ASN B 74 21.51 10.98 -0.90
N ILE B 75 20.77 10.12 -0.20
CA ILE B 75 19.83 9.22 -0.88
C ILE B 75 18.44 9.46 -0.33
N GLU B 76 18.30 9.33 0.98
CA GLU B 76 16.97 9.51 1.55
C GLU B 76 16.75 11.00 1.80
N LYS B 77 15.47 11.38 1.86
CA LYS B 77 15.08 12.74 2.16
C LYS B 77 14.04 12.69 3.27
N ILE B 78 14.27 13.49 4.30
CA ILE B 78 13.38 13.61 5.45
C ILE B 78 12.40 14.74 5.16
N SER B 79 11.16 14.60 5.63
CA SER B 79 10.26 15.74 5.51
C SER B 79 9.29 15.75 6.68
N MET B 80 8.72 16.93 6.90
CA MET B 80 7.74 17.19 7.94
C MET B 80 6.40 17.46 7.27
N LEU B 81 5.34 17.25 8.05
CA LEU B 81 3.97 17.28 7.54
C LEU B 81 3.37 18.66 7.74
N GLU B 82 2.85 19.24 6.67
CA GLU B 82 2.10 20.49 6.82
C GLU B 82 0.71 20.22 7.40
N LYS B 83 -0.03 19.30 6.78
CA LYS B 83 -1.38 19.02 7.23
C LYS B 83 -1.74 17.59 6.87
N ILE B 84 -2.56 16.97 7.73
CA ILE B 84 -3.05 15.61 7.57
C ILE B 84 -4.54 15.69 7.27
N TYR B 85 -4.98 14.97 6.23
CA TYR B 85 -6.38 14.91 5.83
C TYR B 85 -6.86 13.46 5.90
N ILE B 86 -7.76 13.17 6.84
CA ILE B 86 -8.38 11.85 6.98
C ILE B 86 -9.77 11.90 6.35
N HIS B 87 -10.12 10.85 5.61
CA HIS B 87 -11.38 10.85 4.91
C HIS B 87 -12.51 11.08 5.90
N PRO B 88 -13.45 12.00 5.61
CA PRO B 88 -14.50 12.33 6.59
C PRO B 88 -15.35 11.16 7.00
N ARG B 89 -15.53 10.18 6.10
CA ARG B 89 -16.35 9.01 6.39
C ARG B 89 -15.51 7.76 6.63
N TYR B 90 -14.26 7.92 7.05
CA TYR B 90 -13.48 6.77 7.48
C TYR B 90 -14.13 6.12 8.70
N ASN B 91 -14.39 4.81 8.61
CA ASN B 91 -15.16 4.08 9.63
C ASN B 91 -14.18 3.30 10.52
N TRP B 92 -13.67 3.98 11.55
CA TRP B 92 -12.80 3.28 12.48
C TRP B 92 -13.58 2.43 13.46
N ARG B 93 -14.89 2.66 13.62
N ARG B 93 -14.89 2.66 13.60
CA ARG B 93 -15.65 1.93 14.62
CA ARG B 93 -15.69 1.94 14.60
C ARG B 93 -15.86 0.47 14.23
C ARG B 93 -15.90 0.49 14.22
N GLU B 94 -15.86 0.17 12.94
CA GLU B 94 -16.19 -1.18 12.52
C GLU B 94 -15.06 -1.81 11.71
N ASN B 95 -15.12 -1.62 10.39
CA ASN B 95 -14.40 -2.43 9.42
C ASN B 95 -13.33 -1.68 8.64
N LEU B 96 -13.05 -0.41 8.98
CA LEU B 96 -12.02 0.39 8.29
C LEU B 96 -12.44 0.76 6.88
N ASP B 97 -13.74 0.97 6.67
CA ASP B 97 -14.25 1.48 5.41
C ASP B 97 -13.65 2.85 5.12
N ARG B 98 -13.17 3.03 3.88
CA ARG B 98 -12.54 4.29 3.44
C ARG B 98 -11.28 4.58 4.23
N ASP B 99 -10.40 3.58 4.29
CA ASP B 99 -9.15 3.65 5.04
C ASP B 99 -8.11 4.42 4.23
N ILE B 100 -8.24 5.75 4.24
CA ILE B 100 -7.40 6.56 3.36
C ILE B 100 -7.09 7.90 4.03
N ALA B 101 -5.85 8.34 3.86
CA ALA B 101 -5.41 9.63 4.37
C ALA B 101 -4.42 10.24 3.39
N LEU B 102 -4.42 11.57 3.33
CA LEU B 102 -3.41 12.32 2.60
C LEU B 102 -2.62 13.20 3.58
N MET B 103 -1.37 13.43 3.24
CA MET B 103 -0.45 14.22 4.06
C MET B 103 0.29 15.18 3.16
N LYS B 104 0.28 16.46 3.53
CA LYS B 104 0.97 17.49 2.77
C LYS B 104 2.33 17.75 3.39
N LEU B 105 3.38 17.67 2.57
CA LEU B 105 4.71 17.95 3.06
C LEU B 105 4.89 19.44 3.28
N LYS B 106 5.70 19.79 4.29
CA LYS B 106 5.94 21.21 4.57
C LYS B 106 6.69 21.87 3.43
N LYS B 107 7.65 21.17 2.83
CA LYS B 107 8.26 21.64 1.59
C LYS B 107 8.24 20.51 0.57
N PRO B 108 8.13 20.84 -0.72
CA PRO B 108 8.12 19.78 -1.73
C PRO B 108 9.47 19.11 -1.81
N VAL B 109 9.44 17.83 -2.14
CA VAL B 109 10.64 17.01 -2.19
C VAL B 109 11.19 16.99 -3.61
N ALA B 110 12.50 17.15 -3.76
CA ALA B 110 13.10 17.02 -5.08
C ALA B 110 13.13 15.54 -5.49
N PHE B 111 12.74 15.26 -6.72
CA PHE B 111 12.77 13.87 -7.18
C PHE B 111 14.21 13.46 -7.50
N SER B 112 14.44 12.16 -7.65
CA SER B 112 15.80 11.66 -7.86
C SER B 112 15.70 10.23 -8.40
N ASP B 113 16.85 9.56 -8.50
CA ASP B 113 16.86 8.15 -8.89
C ASP B 113 16.06 7.29 -7.92
N TYR B 114 16.00 7.72 -6.65
CA TYR B 114 15.38 6.96 -5.57
C TYR B 114 14.05 7.52 -5.12
N ILE B 115 13.64 8.67 -5.61
CA ILE B 115 12.42 9.34 -5.16
C ILE B 115 11.62 9.76 -6.39
N HIS B 116 10.42 9.18 -6.55
CA HIS B 116 9.65 9.42 -7.77
C HIS B 116 8.21 9.03 -7.54
N PRO B 117 7.24 9.84 -7.97
CA PRO B 117 5.85 9.58 -7.58
C PRO B 117 5.22 8.48 -8.42
N VAL B 118 4.31 7.73 -7.77
CA VAL B 118 3.50 6.71 -8.45
C VAL B 118 2.29 7.35 -9.11
N CYS B 119 1.76 6.73 -10.16
CA CYS B 119 0.54 7.25 -10.76
C CYS B 119 -0.67 6.79 -9.98
N LEU B 120 -1.75 7.59 -10.06
CA LEU B 120 -3.03 7.11 -9.60
C LEU B 120 -3.86 6.68 -10.80
N PRO B 121 -4.67 5.64 -10.64
CA PRO B 121 -5.33 5.05 -11.81
C PRO B 121 -6.43 5.95 -12.35
N ASP B 122 -6.61 5.86 -13.66
CA ASP B 122 -7.80 6.40 -14.30
C ASP B 122 -8.86 5.31 -14.36
N ARG B 123 -10.04 5.65 -14.88
CA ARG B 123 -11.09 4.64 -14.98
C ARG B 123 -10.65 3.51 -15.91
N GLU B 124 -10.10 3.87 -17.07
CA GLU B 124 -9.62 2.88 -18.02
C GLU B 124 -8.59 1.96 -17.40
N THR B 125 -7.64 2.52 -16.64
CA THR B 125 -6.62 1.70 -16.01
C THR B 125 -7.21 0.79 -14.94
N ALA B 126 -8.07 1.35 -14.07
CA ALA B 126 -8.69 0.54 -13.04
C ALA B 126 -9.48 -0.62 -13.65
N ALA B 127 -10.20 -0.36 -14.73
CA ALA B 127 -11.00 -1.42 -15.36
C ALA B 127 -10.13 -2.51 -15.96
N SER B 128 -8.99 -2.13 -16.56
CA SER B 128 -8.17 -3.13 -17.23
C SER B 128 -7.36 -3.96 -16.24
N LEU B 129 -6.92 -3.39 -15.13
CA LEU B 129 -6.02 -4.08 -14.20
C LEU B 129 -6.72 -4.69 -13.00
N LEU B 130 -7.86 -4.16 -12.54
CA LEU B 130 -8.48 -4.66 -11.31
C LEU B 130 -9.37 -5.87 -11.61
N GLN B 131 -8.72 -6.96 -12.01
CA GLN B 131 -9.39 -8.20 -12.38
C GLN B 131 -8.82 -9.33 -11.52
N ALA B 132 -9.68 -10.30 -11.22
CA ALA B 132 -9.29 -11.38 -10.32
C ALA B 132 -8.16 -12.20 -10.93
N GLY B 133 -7.14 -12.45 -10.13
CA GLY B 133 -5.97 -13.18 -10.55
C GLY B 133 -4.84 -12.34 -11.09
N TYR B 134 -5.10 -11.09 -11.48
CA TYR B 134 -4.02 -10.18 -11.84
C TYR B 134 -3.23 -9.86 -10.59
N LYS B 135 -1.91 -9.81 -10.72
CA LYS B 135 -1.02 -9.62 -9.59
C LYS B 135 -0.62 -8.16 -9.43
N GLY B 136 -0.69 -7.67 -8.20
CA GLY B 136 -0.10 -6.42 -7.78
C GLY B 136 1.14 -6.67 -6.94
N ARG B 137 1.77 -5.57 -6.53
CA ARG B 137 3.01 -5.63 -5.79
C ARG B 137 2.87 -4.82 -4.49
N VAL B 138 3.23 -5.44 -3.36
CA VAL B 138 3.17 -4.81 -2.04
C VAL B 138 4.59 -4.70 -1.52
N THR B 139 4.92 -3.54 -0.93
CA THR B 139 6.25 -3.23 -0.41
C THR B 139 6.14 -2.68 1.00
N GLY B 140 7.15 -2.96 1.81
CA GLY B 140 7.20 -2.40 3.16
C GLY B 140 8.35 -2.94 3.97
N TRP B 141 8.54 -2.29 5.13
CA TRP B 141 9.51 -2.68 6.13
C TRP B 141 8.84 -3.36 7.33
N GLY B 142 7.63 -3.89 7.15
CA GLY B 142 6.92 -4.55 8.20
C GLY B 142 7.48 -5.92 8.52
N ASN B 143 6.86 -6.56 9.49
CA ASN B 143 7.43 -7.79 10.04
C ASN B 143 7.44 -8.92 9.00
N LEU B 144 8.40 -9.83 9.17
CA LEU B 144 8.60 -10.95 8.26
C LEU B 144 7.72 -12.15 8.59
N LYS B 145 7.22 -12.23 9.82
CA LYS B 145 6.44 -13.36 10.31
C LYS B 145 5.29 -12.80 11.13
N GLU B 146 4.23 -13.61 11.30
CA GLU B 146 3.10 -13.14 12.09
C GLU B 146 3.54 -12.84 13.51
N THR B 147 2.94 -11.79 14.09
CA THR B 147 3.33 -11.17 15.37
C THR B 147 4.81 -11.31 15.67
N GLY B 155 11.36 -8.94 14.76
CA GLY B 155 11.68 -9.66 13.54
C GLY B 155 11.44 -8.87 12.26
N GLN B 156 12.11 -7.74 12.14
CA GLN B 156 12.04 -6.79 11.05
C GLN B 156 13.13 -7.04 10.02
N PRO B 157 12.90 -6.69 8.76
CA PRO B 157 13.93 -6.89 7.74
C PRO B 157 14.98 -5.80 7.78
N SER B 158 16.16 -6.16 7.26
N SER B 158 16.17 -6.15 7.27
CA SER B 158 17.24 -5.18 7.13
CA SER B 158 17.22 -5.16 7.14
C SER B 158 16.90 -4.09 6.12
C SER B 158 16.85 -4.06 6.15
N VAL B 159 16.20 -4.44 5.05
CA VAL B 159 15.87 -3.51 3.97
C VAL B 159 14.44 -3.73 3.50
N LEU B 160 13.94 -2.78 2.70
CA LEU B 160 12.61 -2.85 2.09
C LEU B 160 12.35 -4.22 1.46
N GLN B 161 11.16 -4.77 1.72
CA GLN B 161 10.77 -6.07 1.20
C GLN B 161 9.71 -5.89 0.13
N VAL B 162 9.59 -6.86 -0.77
CA VAL B 162 8.64 -6.81 -1.89
C VAL B 162 7.97 -8.17 -2.05
N VAL B 163 6.67 -8.17 -2.34
CA VAL B 163 5.99 -9.41 -2.70
C VAL B 163 4.92 -9.10 -3.75
N ASN B 164 4.74 -10.03 -4.69
CA ASN B 164 3.72 -9.95 -5.73
C ASN B 164 2.55 -10.86 -5.36
N LEU B 165 1.33 -10.33 -5.43
CA LEU B 165 0.10 -11.05 -4.95
C LEU B 165 -1.09 -10.89 -5.90
N PRO B 166 -1.85 -11.96 -6.15
CA PRO B 166 -3.01 -11.86 -7.05
C PRO B 166 -4.24 -11.29 -6.39
N ILE B 167 -4.95 -10.44 -7.13
CA ILE B 167 -6.28 -10.01 -6.74
C ILE B 167 -7.22 -11.23 -6.68
N VAL B 168 -8.10 -11.24 -5.67
CA VAL B 168 -8.97 -12.38 -5.41
C VAL B 168 -10.42 -11.99 -5.68
N GLU B 169 -11.21 -12.94 -6.22
CA GLU B 169 -12.62 -12.75 -6.50
C GLU B 169 -13.37 -12.27 -5.24
N ARG B 170 -14.27 -11.30 -5.43
CA ARG B 170 -14.93 -10.67 -4.30
C ARG B 170 -15.71 -11.66 -3.44
N PRO B 171 -16.48 -12.61 -3.98
CA PRO B 171 -17.17 -13.56 -3.08
C PRO B 171 -16.20 -14.41 -2.29
N VAL B 172 -15.03 -14.72 -2.86
CA VAL B 172 -14.03 -15.49 -2.12
C VAL B 172 -13.49 -14.66 -0.95
N CYS B 173 -13.14 -13.38 -1.21
CA CYS B 173 -12.74 -12.47 -0.14
C CYS B 173 -13.77 -12.43 0.99
N LYS B 174 -15.03 -12.18 0.65
CA LYS B 174 -16.04 -12.01 1.68
C LYS B 174 -16.23 -13.29 2.50
N ASP B 175 -16.05 -14.44 1.86
CA ASP B 175 -16.23 -15.71 2.55
C ASP B 175 -15.03 -16.14 3.39
N SER B 176 -13.91 -15.44 3.30
CA SER B 176 -12.75 -15.77 4.12
C SER B 176 -12.74 -15.03 5.45
N THR B 177 -13.72 -14.17 5.71
CA THR B 177 -13.70 -13.31 6.88
C THR B 177 -15.11 -13.06 7.40
N ARG B 178 -15.22 -12.85 8.72
CA ARG B 178 -16.47 -12.44 9.34
C ARG B 178 -16.73 -10.94 9.21
N ILE B 179 -15.75 -10.15 8.79
CA ILE B 179 -15.90 -8.71 8.67
C ILE B 179 -16.77 -8.34 7.46
N ARG B 180 -17.53 -7.26 7.59
CA ARG B 180 -18.34 -6.73 6.49
C ARG B 180 -17.46 -5.99 5.47
N ILE B 181 -17.43 -6.47 4.23
CA ILE B 181 -16.54 -5.95 3.19
C ILE B 181 -17.32 -4.99 2.29
N THR B 182 -16.76 -3.81 2.04
CA THR B 182 -17.41 -2.75 1.25
C THR B 182 -16.77 -2.63 -0.11
N ASP B 183 -17.46 -1.93 -1.02
CA ASP B 183 -16.95 -1.66 -2.36
C ASP B 183 -15.69 -0.79 -2.31
N ASN B 184 -15.32 -0.30 -1.14
CA ASN B 184 -14.10 0.48 -1.00
C ASN B 184 -12.89 -0.38 -0.63
N MET B 185 -13.03 -1.70 -0.70
CA MET B 185 -12.00 -2.66 -0.36
C MET B 185 -11.88 -3.67 -1.49
N PHE B 186 -10.67 -4.19 -1.70
CA PHE B 186 -10.49 -5.43 -2.42
C PHE B 186 -9.51 -6.28 -1.63
N CYS B 187 -9.46 -7.58 -1.94
CA CYS B 187 -8.48 -8.41 -1.26
C CYS B 187 -7.55 -9.09 -2.26
N ALA B 188 -6.39 -9.48 -1.78
CA ALA B 188 -5.36 -10.07 -2.63
C ALA B 188 -4.59 -11.10 -1.80
N GLY B 189 -3.97 -12.03 -2.50
CA GLY B 189 -3.25 -13.12 -1.85
C GLY B 189 -3.47 -14.42 -2.58
N TYR B 190 -2.59 -15.38 -2.32
CA TYR B 190 -2.75 -16.69 -2.92
C TYR B 190 -3.71 -17.56 -2.11
N LYS B 191 -4.29 -18.55 -2.77
CA LYS B 191 -5.19 -19.47 -2.09
C LYS B 191 -4.40 -20.67 -1.60
N PRO B 192 -4.90 -21.39 -0.60
CA PRO B 192 -4.13 -22.52 -0.02
C PRO B 192 -3.59 -23.53 -1.02
N ASP B 193 -4.26 -23.74 -2.16
CA ASP B 193 -3.82 -24.73 -3.12
C ASP B 193 -3.01 -24.14 -4.25
N GLU B 194 -2.49 -22.91 -4.09
CA GLU B 194 -1.81 -22.24 -5.18
C GLU B 194 -0.29 -22.39 -5.13
N GLY B 195 0.27 -22.98 -4.08
CA GLY B 195 1.69 -23.26 -4.06
C GLY B 195 2.57 -22.10 -3.62
N LYS B 196 2.27 -20.91 -4.09
CA LYS B 196 2.95 -19.71 -3.64
C LYS B 196 2.24 -19.12 -2.43
N ARG B 197 2.96 -18.27 -1.70
CA ARG B 197 2.33 -17.55 -0.58
C ARG B 197 2.93 -16.16 -0.49
N GLY B 198 2.61 -15.45 0.59
CA GLY B 198 2.93 -14.04 0.71
C GLY B 198 1.83 -13.16 1.27
N ASP B 199 2.21 -12.16 2.06
CA ASP B 199 1.24 -11.26 2.67
C ASP B 199 1.97 -10.03 3.19
N ALA B 200 1.22 -8.94 3.37
CA ALA B 200 1.66 -7.85 4.19
C ALA B 200 1.53 -8.23 5.67
N CYS B 201 2.26 -7.51 6.54
CA CYS B 201 2.20 -7.80 7.97
C CYS B 201 2.28 -6.50 8.77
N GLU B 202 2.36 -6.63 10.09
CA GLU B 202 2.46 -5.45 10.94
C GLU B 202 3.64 -4.63 10.48
N GLY B 203 3.41 -3.33 10.30
CA GLY B 203 4.40 -2.43 9.80
C GLY B 203 4.22 -2.04 8.34
N ASP B 204 3.52 -2.86 7.55
CA ASP B 204 3.34 -2.58 6.12
C ASP B 204 2.12 -1.73 5.83
N SER B 205 1.25 -1.57 6.83
CA SER B 205 0.00 -0.84 6.70
C SER B 205 0.22 0.54 6.11
N GLY B 206 -0.71 0.94 5.25
CA GLY B 206 -0.66 2.23 4.59
C GLY B 206 0.25 2.30 3.40
N GLY B 207 1.07 1.28 3.15
CA GLY B 207 1.89 1.25 1.97
C GLY B 207 1.07 0.94 0.74
N PRO B 208 1.72 1.03 -0.41
CA PRO B 208 1.05 0.85 -1.72
C PRO B 208 0.96 -0.59 -2.21
N PHE B 209 -0.18 -0.86 -2.84
CA PHE B 209 -0.38 -2.04 -3.68
C PHE B 209 -0.39 -1.49 -5.10
N VAL B 210 0.64 -1.84 -5.89
CA VAL B 210 0.81 -1.21 -7.18
C VAL B 210 0.78 -2.25 -8.27
N MET B 211 0.42 -1.79 -9.46
CA MET B 211 0.36 -2.62 -10.66
C MET B 211 0.97 -1.88 -11.83
N LYS B 212 1.70 -2.62 -12.67
CA LYS B 212 2.39 -2.06 -13.83
C LYS B 212 1.49 -2.24 -15.05
N SER B 213 1.04 -1.12 -15.63
CA SER B 213 0.25 -1.14 -16.85
C SER B 213 1.05 -1.72 -18.00
N PRO B 214 0.58 -2.80 -18.63
CA PRO B 214 1.21 -3.28 -19.87
C PRO B 214 0.95 -2.37 -21.06
N PHE B 215 0.12 -1.35 -20.89
CA PHE B 215 -0.25 -0.45 -21.97
C PHE B 215 0.73 0.72 -22.09
N ASN B 216 1.03 1.40 -20.99
CA ASN B 216 1.93 2.55 -21.09
C ASN B 216 3.15 2.44 -20.20
N ASN B 217 3.43 1.26 -19.66
CA ASN B 217 4.63 0.93 -18.90
C ASN B 217 4.70 1.58 -17.52
N ARG B 218 3.67 2.31 -17.07
CA ARG B 218 3.69 3.02 -15.79
C ARG B 218 3.14 2.20 -14.65
N TRP B 219 3.64 2.47 -13.44
CA TRP B 219 3.14 1.83 -12.23
C TRP B 219 2.02 2.68 -11.65
N TYR B 220 0.90 2.03 -11.31
CA TYR B 220 -0.28 2.66 -10.75
C TYR B 220 -0.52 2.12 -9.36
N GLN B 221 -0.83 3.00 -8.42
CA GLN B 221 -1.20 2.56 -7.08
C GLN B 221 -2.68 2.20 -7.09
N MET B 222 -2.96 0.91 -7.06
CA MET B 222 -4.36 0.52 -7.06
C MET B 222 -4.92 0.39 -5.65
N GLY B 223 -4.09 0.07 -4.65
CA GLY B 223 -4.58 -0.16 -3.31
C GLY B 223 -3.66 0.42 -2.24
N ILE B 224 -4.20 0.49 -1.02
CA ILE B 224 -3.45 0.84 0.18
C ILE B 224 -3.57 -0.35 1.14
N VAL B 225 -2.43 -0.81 1.65
CA VAL B 225 -2.37 -1.87 2.67
C VAL B 225 -3.24 -1.45 3.84
N SER B 226 -4.36 -2.15 4.05
CA SER B 226 -5.37 -1.76 5.04
C SER B 226 -5.44 -2.73 6.20
N TRP B 227 -5.86 -3.97 6.00
CA TRP B 227 -5.93 -4.86 7.16
C TRP B 227 -5.88 -6.31 6.74
N GLY B 228 -5.73 -7.18 7.72
CA GLY B 228 -5.76 -8.61 7.47
C GLY B 228 -5.95 -9.35 8.78
N GLU B 229 -6.01 -10.68 8.67
CA GLU B 229 -6.17 -11.57 9.82
C GLU B 229 -4.92 -12.42 9.92
N GLY B 230 -4.05 -12.10 10.88
CA GLY B 230 -2.79 -12.76 10.93
C GLY B 230 -1.94 -12.25 9.78
N CYS B 231 -0.92 -13.01 9.43
CA CYS B 231 -0.10 -12.70 8.26
C CYS B 231 0.21 -13.99 7.53
N ASP B 232 -0.19 -14.07 6.25
CA ASP B 232 0.13 -15.21 5.40
C ASP B 232 -0.48 -16.49 5.97
N ARG B 233 -1.72 -16.40 6.47
CA ARG B 233 -2.46 -17.60 6.86
C ARG B 233 -3.18 -18.19 5.67
N ASP B 234 -3.17 -19.51 5.56
CA ASP B 234 -3.99 -20.22 4.60
C ASP B 234 -5.46 -19.88 4.76
N GLY B 235 -6.13 -19.60 3.65
CA GLY B 235 -7.55 -19.29 3.68
C GLY B 235 -7.89 -17.87 4.08
N LYS B 236 -6.89 -17.05 4.40
CA LYS B 236 -7.06 -15.64 4.72
C LYS B 236 -6.41 -14.82 3.64
N TYR B 237 -6.83 -13.56 3.54
CA TYR B 237 -6.35 -12.69 2.47
C TYR B 237 -6.20 -11.28 3.00
N GLY B 238 -5.26 -10.55 2.41
CA GLY B 238 -5.07 -9.17 2.81
C GLY B 238 -6.09 -8.28 2.14
N PHE B 239 -6.56 -7.27 2.88
CA PHE B 239 -7.52 -6.32 2.34
C PHE B 239 -6.84 -4.98 2.11
N TYR B 240 -7.20 -4.35 0.98
CA TYR B 240 -6.58 -3.16 0.44
C TYR B 240 -7.64 -2.10 0.16
N THR B 241 -7.36 -0.85 0.55
CA THR B 241 -8.24 0.25 0.17
C THR B 241 -8.28 0.42 -1.35
N HIS B 242 -9.49 0.49 -1.91
CA HIS B 242 -9.72 0.55 -3.37
C HIS B 242 -9.52 2.00 -3.79
N VAL B 243 -8.28 2.33 -4.17
CA VAL B 243 -7.90 3.73 -4.32
C VAL B 243 -8.77 4.44 -5.35
N PHE B 244 -9.02 3.80 -6.50
CA PHE B 244 -9.76 4.48 -7.56
C PHE B 244 -11.14 4.94 -7.08
N ARG B 245 -11.83 4.11 -6.30
CA ARG B 245 -13.18 4.45 -5.87
C ARG B 245 -13.22 5.69 -5.00
N LEU B 246 -12.10 6.07 -4.37
CA LEU B 246 -12.01 7.23 -3.50
C LEU B 246 -11.35 8.42 -4.18
N LYS B 247 -11.19 8.37 -5.50
CA LYS B 247 -10.43 9.40 -6.19
C LYS B 247 -11.11 10.76 -6.11
N LYS B 248 -12.45 10.79 -6.00
CA LYS B 248 -13.13 12.07 -5.90
C LYS B 248 -12.75 12.82 -4.63
N TRP B 249 -12.51 12.08 -3.54
CA TRP B 249 -12.10 12.73 -2.30
C TRP B 249 -10.63 13.16 -2.38
N ILE B 250 -9.77 12.25 -2.85
CA ILE B 250 -8.38 12.61 -3.13
C ILE B 250 -8.33 13.88 -3.97
N GLN B 251 -9.27 14.03 -4.90
CA GLN B 251 -9.33 15.21 -5.77
C GLN B 251 -9.49 16.49 -4.97
N LYS B 252 -10.56 16.60 -4.18
CA LYS B 252 -10.85 17.88 -3.56
C LYS B 252 -9.85 18.25 -2.46
N VAL B 253 -9.01 17.31 -2.02
CA VAL B 253 -7.97 17.66 -1.05
C VAL B 253 -6.86 18.45 -1.73
N ILE B 254 -6.56 18.10 -2.98
CA ILE B 254 -5.50 18.74 -3.74
C ILE B 254 -6.05 19.58 -4.87
N GLY C 1 -10.09 -12.11 -15.22
CA GLY C 1 -11.10 -11.78 -16.20
C GLY C 1 -12.33 -11.15 -15.55
N GLU C 2 -12.54 -11.54 -14.29
CA GLU C 2 -13.65 -11.14 -13.43
C GLU C 2 -13.26 -9.94 -12.59
N PRO C 3 -14.11 -8.92 -12.47
CA PRO C 3 -13.69 -7.70 -11.77
C PRO C 3 -13.43 -7.96 -10.29
N GLY C 4 -12.36 -7.39 -9.77
CA GLY C 4 -12.03 -7.56 -8.36
C GLY C 4 -12.54 -6.45 -7.47
N ALA C 5 -12.96 -5.35 -8.11
CA ALA C 5 -13.53 -4.20 -7.44
C ALA C 5 -14.28 -3.36 -8.46
N PRO C 6 -15.33 -2.66 -8.05
CA PRO C 6 -16.15 -1.93 -9.02
C PRO C 6 -15.56 -0.59 -9.41
N ILE C 7 -15.97 -0.12 -10.57
CA ILE C 7 -15.31 1.01 -11.20
C ILE C 7 -16.16 2.29 -11.10
N ASP C 8 -17.14 2.29 -10.20
CA ASP C 8 -17.90 3.49 -9.88
C ASP C 8 -17.13 4.25 -8.78
N ASP C 10 -17.24 6.44 -4.92
CA ASP C 10 -17.86 6.31 -3.60
C ASP C 10 -18.96 7.36 -3.40
N GLU C 11 -20.10 6.96 -2.86
CA GLU C 11 -21.18 7.90 -2.55
C GLU C 11 -21.64 7.76 -1.10
N GLY C 20 -25.06 -3.61 10.26
CA GLY C 20 -23.93 -3.58 11.17
C GLY C 20 -22.90 -4.65 10.91
N GLY C 21 -21.91 -4.75 11.80
CA GLY C 21 -20.90 -5.78 11.68
C GLY C 21 -19.95 -5.74 12.86
N THR C 22 -19.18 -6.81 12.97
CA THR C 22 -18.16 -6.94 14.01
C THR C 22 -16.99 -5.97 13.77
N PRO C 23 -16.46 -5.34 14.82
CA PRO C 23 -15.26 -4.48 14.65
C PRO C 23 -13.98 -5.27 14.51
N LEU C 24 -13.08 -4.74 13.67
CA LEU C 24 -11.80 -5.39 13.41
C LEU C 24 -11.05 -5.74 14.70
N HIS C 25 -11.06 -4.83 15.67
CA HIS C 25 -10.25 -5.04 16.87
C HIS C 25 -10.69 -6.26 17.68
N GLU C 26 -11.92 -6.78 17.49
CA GLU C 26 -12.36 -7.96 18.22
C GLU C 26 -11.87 -9.28 17.62
N ILE C 27 -11.35 -9.26 16.39
CA ILE C 27 -10.87 -10.48 15.76
C ILE C 27 -9.52 -10.86 16.36
N PRO C 28 -9.36 -12.09 16.86
CA PRO C 28 -8.04 -12.54 17.30
C PRO C 28 -7.06 -12.52 16.14
N GLY C 29 -5.84 -12.10 16.44
CA GLY C 29 -4.76 -12.02 15.47
C GLY C 29 -4.92 -10.98 14.39
N ILE C 30 -5.88 -10.06 14.53
CA ILE C 30 -6.09 -9.04 13.52
C ILE C 30 -4.79 -8.30 13.27
N ARG C 31 -4.55 -8.00 12.02
CA ARG C 31 -3.35 -7.33 11.58
C ARG C 31 -3.75 -5.94 11.10
N LEU C 32 -3.31 -4.92 11.83
CA LEU C 32 -3.52 -3.53 11.47
C LEU C 32 -2.17 -2.86 11.44
#